data_9HSE
#
_entry.id   9HSE
#
_cell.length_a   50.395
_cell.length_b   69.420
_cell.length_c   118.819
_cell.angle_alpha   90.000
_cell.angle_beta   90.000
_cell.angle_gamma   90.000
#
_symmetry.space_group_name_H-M   'I 2 2 2'
#
loop_
_entity.id
_entity.type
_entity.pdbx_description
1 polymer 'Cholinephosphate cytidylyltransferase'
2 non-polymer 5-(aminomethyl)pyridin-2-amine
3 water water
#
_entity_poly.entity_id   1
_entity_poly.type   'polypeptide(L)'
_entity_poly.pdbx_seq_one_letter_code
;GHMAVPDDDDDDDNSNDESEYESSQMDSEKNKGSIKNSKNVVIYADGVYDMLHLGHMKQLEQAKKLFENTTLIVGVTSDN
ETKLFKGQVVQTLEERTETLKHIRWVDEIISPCPWVVTPEFLEKYKIDYVAHDDIPYANNQKEDIYAWLKRAGKFKATQR
TEGVSTTDLIVRILKNYEDY
;
_entity_poly.pdbx_strand_id   A
#
# COMPACT_ATOMS: atom_id res chain seq x y z
N SER A 38 -21.27 10.24 -8.68
CA SER A 38 -20.35 10.15 -9.84
C SER A 38 -19.36 11.30 -9.86
N LYS A 39 -19.18 11.98 -8.72
CA LYS A 39 -18.04 12.86 -8.57
C LYS A 39 -16.83 12.02 -8.17
N ASN A 40 -15.64 12.48 -8.56
CA ASN A 40 -14.44 11.68 -8.44
C ASN A 40 -13.86 11.78 -7.03
N VAL A 41 -13.60 10.63 -6.41
CA VAL A 41 -13.14 10.54 -5.02
C VAL A 41 -11.67 10.17 -5.01
N VAL A 42 -10.86 10.97 -4.32
CA VAL A 42 -9.42 10.72 -4.26
C VAL A 42 -9.11 9.83 -3.06
N ILE A 43 -8.49 8.69 -3.31
CA ILE A 43 -8.13 7.70 -2.30
C ILE A 43 -6.62 7.63 -2.21
N TYR A 44 -6.09 7.61 -0.99
CA TYR A 44 -4.67 7.44 -0.76
C TYR A 44 -4.43 6.15 0.02
N ALA A 45 -3.53 5.31 -0.49
CA ALA A 45 -3.06 4.10 0.18
C ALA A 45 -1.54 4.13 0.19
N ASP A 46 -0.92 3.87 1.35
CA ASP A 46 0.53 3.83 1.40
C ASP A 46 1.03 2.48 1.90
N GLY A 47 2.30 2.20 1.63
CA GLY A 47 2.89 0.98 2.16
C GLY A 47 4.31 0.84 1.64
N VAL A 48 4.91 -0.30 1.98
CA VAL A 48 6.25 -0.58 1.48
C VAL A 48 6.18 -1.16 0.07
N TYR A 49 5.27 -2.11 -0.14
CA TYR A 49 5.10 -2.78 -1.43
C TYR A 49 6.40 -3.47 -1.87
N ASP A 50 7.07 -4.13 -0.93
CA ASP A 50 8.25 -4.92 -1.25
C ASP A 50 7.82 -6.26 -1.86
N MET A 51 8.52 -6.68 -2.92
CA MET A 51 8.25 -7.96 -3.58
C MET A 51 6.75 -8.15 -3.82
N LEU A 52 6.19 -7.25 -4.63
CA LEU A 52 4.74 -7.14 -4.79
C LEU A 52 4.09 -8.46 -5.15
N HIS A 53 2.99 -8.79 -4.47
CA HIS A 53 2.34 -10.07 -4.66
C HIS A 53 0.82 -9.90 -4.68
N LEU A 54 0.13 -11.01 -4.89
CA LEU A 54 -1.33 -11.00 -5.02
C LEU A 54 -2.00 -10.30 -3.85
N GLY A 55 -1.43 -10.47 -2.65
CA GLY A 55 -1.98 -9.78 -1.49
C GLY A 55 -2.00 -8.27 -1.65
N HIS A 56 -0.87 -7.69 -2.05
CA HIS A 56 -0.83 -6.25 -2.32
C HIS A 56 -1.82 -5.87 -3.41
N MET A 57 -1.88 -6.68 -4.47
CA MET A 57 -2.73 -6.33 -5.60
C MET A 57 -4.20 -6.31 -5.21
N LYS A 58 -4.64 -7.31 -4.44
CA LYS A 58 -6.04 -7.30 -4.03
C LYS A 58 -6.35 -6.11 -3.16
N GLN A 59 -5.41 -5.71 -2.30
CA GLN A 59 -5.65 -4.57 -1.42
C GLN A 59 -5.74 -3.28 -2.21
N LEU A 60 -4.85 -3.11 -3.19
CA LEU A 60 -4.96 -1.98 -4.11
C LEU A 60 -6.29 -2.00 -4.86
N GLU A 61 -6.67 -3.17 -5.39
CA GLU A 61 -7.94 -3.25 -6.09
C GLU A 61 -9.06 -2.76 -5.20
N GLN A 62 -9.02 -3.13 -3.93
CA GLN A 62 -10.12 -2.81 -3.03
C GLN A 62 -10.21 -1.32 -2.78
N ALA A 63 -9.06 -0.67 -2.59
CA ALA A 63 -9.03 0.79 -2.48
C ALA A 63 -9.57 1.46 -3.74
N LYS A 64 -9.10 1.04 -4.92
CA LYS A 64 -9.56 1.64 -6.17
C LYS A 64 -11.10 1.61 -6.29
N LYS A 65 -11.73 0.58 -5.74
CA LYS A 65 -13.16 0.33 -5.96
C LYS A 65 -14.00 0.73 -4.76
N LEU A 66 -13.44 1.51 -3.84
CA LEU A 66 -14.23 1.96 -2.69
C LEU A 66 -15.43 2.78 -3.12
N PHE A 67 -15.31 3.54 -4.21
CA PHE A 67 -16.42 4.28 -4.79
C PHE A 67 -16.42 4.06 -6.30
N GLU A 68 -17.51 4.47 -6.94
CA GLU A 68 -17.66 4.23 -8.39
C GLU A 68 -16.56 4.94 -9.18
N ASN A 69 -16.25 6.18 -8.83
CA ASN A 69 -15.31 7.01 -9.59
C ASN A 69 -14.22 7.48 -8.65
N THR A 70 -13.01 6.95 -8.84
CA THR A 70 -11.91 7.25 -7.94
C THR A 70 -10.63 7.57 -8.70
N THR A 71 -9.72 8.24 -7.99
CA THR A 71 -8.31 8.31 -8.31
C THR A 71 -7.57 7.69 -7.13
N LEU A 72 -6.88 6.58 -7.37
CA LEU A 72 -6.10 5.93 -6.32
C LEU A 72 -4.68 6.45 -6.37
N ILE A 73 -4.27 7.16 -5.32
CA ILE A 73 -2.88 7.56 -5.12
C ILE A 73 -2.21 6.54 -4.22
N VAL A 74 -1.04 6.07 -4.60
CA VAL A 74 -0.32 5.07 -3.83
C VAL A 74 0.98 5.68 -3.36
N GLY A 75 1.24 5.62 -2.07
CA GLY A 75 2.47 6.12 -1.50
C GLY A 75 3.44 4.99 -1.21
N VAL A 76 4.70 5.21 -1.57
CA VAL A 76 5.73 4.19 -1.46
C VAL A 76 6.78 4.71 -0.48
N THR A 77 6.97 3.99 0.61
CA THR A 77 7.83 4.48 1.69
C THR A 77 9.31 4.34 1.34
N SER A 78 10.10 5.29 1.82
CA SER A 78 11.52 5.38 1.51
C SER A 78 12.30 4.24 2.16
N ASP A 79 13.49 3.96 1.60
CA ASP A 79 14.28 2.83 2.10
C ASP A 79 14.72 3.08 3.53
N ASN A 80 15.26 4.27 3.81
CA ASN A 80 15.78 4.57 5.14
C ASN A 80 14.69 4.51 6.19
N GLU A 81 13.58 5.21 5.95
CA GLU A 81 12.52 5.27 6.95
C GLU A 81 11.90 3.89 7.19
N THR A 82 11.69 3.13 6.12
CA THR A 82 11.18 1.77 6.28
C THR A 82 12.13 0.95 7.15
N LYS A 83 13.44 0.99 6.84
CA LYS A 83 14.42 0.21 7.59
C LYS A 83 14.54 0.67 9.03
N LEU A 84 14.48 1.98 9.26
CA LEU A 84 14.64 2.50 10.60
C LEU A 84 13.41 2.25 11.47
N PHE A 85 12.21 2.25 10.88
CA PHE A 85 10.97 2.24 11.65
C PHE A 85 10.18 0.93 11.58
N LYS A 86 10.48 0.04 10.64
CA LYS A 86 9.63 -1.13 10.45
C LYS A 86 10.43 -2.42 10.36
N GLY A 87 11.30 -2.51 9.35
CA GLY A 87 12.09 -3.71 9.17
C GLY A 87 12.83 -3.66 7.84
N GLN A 88 13.53 -4.75 7.56
CA GLN A 88 14.32 -4.84 6.35
C GLN A 88 13.43 -4.79 5.10
N VAL A 89 14.05 -4.41 3.99
CA VAL A 89 13.39 -4.38 2.68
C VAL A 89 14.34 -4.96 1.64
N VAL A 90 13.79 -5.74 0.72
CA VAL A 90 14.61 -6.37 -0.31
C VAL A 90 14.87 -5.39 -1.44
N GLN A 91 13.83 -4.72 -1.92
CA GLN A 91 13.93 -3.93 -3.12
C GLN A 91 14.09 -2.46 -2.79
N THR A 92 14.84 -1.76 -3.64
CA THR A 92 15.00 -0.32 -3.48
C THR A 92 13.68 0.40 -3.70
N LEU A 93 13.66 1.69 -3.31
CA LEU A 93 12.50 2.53 -3.60
C LEU A 93 12.23 2.56 -5.11
N GLU A 94 13.29 2.64 -5.93
CA GLU A 94 13.08 2.69 -7.37
C GLU A 94 12.45 1.41 -7.90
N GLU A 95 12.85 0.25 -7.38
CA GLU A 95 12.31 -1.02 -7.85
C GLU A 95 10.87 -1.21 -7.41
N ARG A 96 10.57 -0.91 -6.15
CA ARG A 96 9.21 -1.06 -5.65
C ARG A 96 8.26 -0.11 -6.36
N THR A 97 8.73 1.10 -6.67
CA THR A 97 7.88 2.05 -7.37
C THR A 97 7.68 1.63 -8.83
N GLU A 98 8.75 1.26 -9.50
CA GLU A 98 8.62 0.85 -10.90
C GLU A 98 7.64 -0.33 -11.05
N THR A 99 7.62 -1.23 -10.07
CA THR A 99 6.69 -2.35 -10.17
C THR A 99 5.24 -1.88 -10.06
N LEU A 100 4.95 -0.96 -9.14
CA LEU A 100 3.58 -0.49 -8.95
C LEU A 100 3.04 0.23 -10.16
N LYS A 101 3.94 0.80 -10.97
CA LYS A 101 3.54 1.47 -12.19
C LYS A 101 2.81 0.54 -13.14
N HIS A 102 3.06 -0.77 -13.06
CA HIS A 102 2.40 -1.71 -13.95
C HIS A 102 1.08 -2.23 -13.41
N ILE A 103 0.61 -1.73 -12.29
CA ILE A 103 -0.59 -2.29 -11.67
C ILE A 103 -1.81 -1.50 -12.14
N ARG A 104 -2.85 -2.23 -12.58
CA ARG A 104 -4.00 -1.61 -13.22
C ARG A 104 -4.69 -0.58 -12.32
N TRP A 105 -4.73 -0.82 -11.03
CA TRP A 105 -5.54 0.01 -10.13
C TRP A 105 -4.86 1.31 -9.76
N VAL A 106 -3.57 1.46 -10.05
CA VAL A 106 -2.76 2.54 -9.53
C VAL A 106 -2.86 3.72 -10.50
N ASP A 107 -3.36 4.84 -10.02
CA ASP A 107 -3.52 6.01 -10.90
C ASP A 107 -2.40 7.01 -10.74
N GLU A 108 -1.94 7.23 -9.51
CA GLU A 108 -0.86 8.15 -9.22
C GLU A 108 0.02 7.53 -8.14
N ILE A 109 1.31 7.87 -8.17
CA ILE A 109 2.27 7.36 -7.20
C ILE A 109 3.02 8.53 -6.60
N ILE A 110 3.12 8.56 -5.27
CA ILE A 110 3.99 9.49 -4.56
C ILE A 110 5.14 8.68 -3.99
N SER A 111 6.37 8.94 -4.49
CA SER A 111 7.55 8.14 -4.18
C SER A 111 8.82 8.97 -4.11
N PRO A 112 9.39 9.15 -2.90
CA PRO A 112 8.89 8.51 -1.66
C PRO A 112 7.73 9.25 -1.03
N CYS A 113 6.92 8.55 -0.25
CA CYS A 113 5.83 9.18 0.48
C CYS A 113 6.29 9.51 1.89
N PRO A 114 5.59 10.39 2.60
CA PRO A 114 5.99 10.64 3.99
C PRO A 114 5.63 9.43 4.83
N TRP A 115 6.41 9.22 5.88
CA TRP A 115 6.20 8.01 6.68
C TRP A 115 4.93 8.12 7.52
N VAL A 116 4.60 9.32 8.00
CA VAL A 116 3.38 9.56 8.76
C VAL A 116 2.49 10.53 7.98
N VAL A 117 1.23 10.17 7.83
CA VAL A 117 0.24 11.00 7.16
C VAL A 117 -0.19 12.12 8.09
N THR A 118 -0.36 13.31 7.54
CA THR A 118 -0.71 14.50 8.31
C THR A 118 -1.93 15.14 7.67
N PRO A 119 -2.70 15.93 8.43
CA PRO A 119 -3.82 16.66 7.81
C PRO A 119 -3.36 17.60 6.71
N GLU A 120 -2.14 18.15 6.82
CA GLU A 120 -1.61 19.04 5.80
C GLU A 120 -1.35 18.30 4.48
N PHE A 121 -0.90 17.04 4.57
CA PHE A 121 -0.63 16.25 3.38
C PHE A 121 -1.92 15.94 2.61
N LEU A 122 -3.00 15.63 3.34
CA LEU A 122 -4.28 15.40 2.69
C LEU A 122 -4.77 16.63 1.94
N GLU A 123 -4.60 17.81 2.54
CA GLU A 123 -4.96 19.03 1.85
C GLU A 123 -4.11 19.22 0.61
N LYS A 124 -2.80 19.03 0.74
CA LYS A 124 -1.88 19.33 -0.36
C LYS A 124 -2.23 18.55 -1.62
N TYR A 125 -2.52 17.26 -1.49
CA TYR A 125 -2.87 16.42 -2.63
C TYR A 125 -4.38 16.21 -2.78
N LYS A 126 -5.19 17.01 -2.07
CA LYS A 126 -6.65 16.95 -2.12
C LYS A 126 -7.18 15.51 -1.99
N ILE A 127 -6.76 14.85 -0.90
CA ILE A 127 -7.10 13.45 -0.64
C ILE A 127 -8.40 13.39 0.15
N ASP A 128 -9.37 12.63 -0.36
CA ASP A 128 -10.65 12.50 0.35
C ASP A 128 -10.61 11.41 1.41
N TYR A 129 -9.99 10.27 1.12
CA TYR A 129 -9.95 9.20 2.10
C TYR A 129 -8.59 8.52 2.08
N VAL A 130 -8.19 7.99 3.23
CA VAL A 130 -7.01 7.15 3.34
C VAL A 130 -7.51 5.72 3.50
N ALA A 131 -6.97 4.79 2.70
CA ALA A 131 -7.36 3.39 2.73
C ALA A 131 -6.25 2.60 3.41
N HIS A 132 -6.60 1.86 4.46
CA HIS A 132 -5.63 1.09 5.24
C HIS A 132 -6.36 -0.07 5.92
N ASP A 133 -5.65 -1.16 6.12
CA ASP A 133 -6.26 -2.31 6.78
C ASP A 133 -6.39 -2.12 8.28
N GLU A 143 -8.31 3.95 16.03
CA GLU A 143 -6.92 3.54 16.20
C GLU A 143 -6.22 4.40 17.24
N ASP A 144 -4.91 4.17 17.42
CA ASP A 144 -4.09 5.16 18.10
C ASP A 144 -3.53 6.14 17.06
N ILE A 145 -2.75 5.62 16.11
CA ILE A 145 -2.17 6.48 15.09
C ILE A 145 -3.26 7.10 14.22
N TYR A 146 -4.21 6.28 13.78
CA TYR A 146 -5.20 6.68 12.79
C TYR A 146 -6.47 7.28 13.40
N ALA A 147 -6.49 7.51 14.72
CA ALA A 147 -7.69 8.04 15.35
C ALA A 147 -8.14 9.34 14.70
N TRP A 148 -7.19 10.22 14.38
CA TRP A 148 -7.60 11.49 13.81
C TRP A 148 -8.22 11.29 12.44
N LEU A 149 -7.77 10.29 11.68
CA LEU A 149 -8.36 10.05 10.37
C LEU A 149 -9.80 9.58 10.52
N LYS A 150 -10.09 8.78 11.53
CA LYS A 150 -11.45 8.28 11.67
C LYS A 150 -12.37 9.37 12.21
N ARG A 151 -11.87 10.21 13.12
CA ARG A 151 -12.64 11.35 13.60
C ARG A 151 -13.02 12.28 12.48
N ALA A 152 -12.19 12.37 11.44
CA ALA A 152 -12.49 13.23 10.30
C ALA A 152 -13.36 12.56 9.26
N GLY A 153 -13.66 11.26 9.42
CA GLY A 153 -14.44 10.56 8.40
C GLY A 153 -13.66 10.23 7.16
N LYS A 154 -12.33 10.20 7.27
CA LYS A 154 -11.48 10.01 6.11
C LYS A 154 -10.79 8.65 6.10
N PHE A 155 -11.24 7.70 6.92
CA PHE A 155 -10.59 6.39 7.03
C PHE A 155 -11.49 5.34 6.38
N LYS A 156 -10.95 4.60 5.41
CA LYS A 156 -11.66 3.49 4.79
C LYS A 156 -10.80 2.24 4.98
N ALA A 157 -11.37 1.23 5.62
CA ALA A 157 -10.62 0.01 5.89
C ALA A 157 -10.56 -0.86 4.63
N THR A 158 -9.46 -1.57 4.48
CA THR A 158 -9.33 -2.63 3.49
C THR A 158 -8.84 -3.88 4.21
N GLN A 159 -8.83 -5.00 3.50
CA GLN A 159 -8.44 -6.28 4.10
C GLN A 159 -7.06 -6.70 3.63
N ARG A 160 -6.48 -7.63 4.38
CA ARG A 160 -5.28 -8.34 3.97
C ARG A 160 -5.65 -9.73 3.50
N THR A 161 -4.86 -10.25 2.56
CA THR A 161 -4.96 -11.63 2.12
C THR A 161 -3.69 -12.33 2.58
N GLU A 162 -3.80 -13.16 3.60
CA GLU A 162 -2.62 -13.85 4.10
C GLU A 162 -2.30 -15.05 3.21
N GLY A 163 -1.04 -15.50 3.30
CA GLY A 163 -0.62 -16.74 2.69
C GLY A 163 -0.24 -16.68 1.22
N VAL A 164 -0.45 -15.55 0.55
CA VAL A 164 -0.17 -15.43 -0.88
C VAL A 164 1.15 -14.71 -1.13
N SER A 165 2.02 -14.67 -0.14
CA SER A 165 3.18 -13.77 -0.17
C SER A 165 4.37 -14.41 -0.90
N THR A 166 5.33 -13.55 -1.24
CA THR A 166 6.52 -14.02 -1.96
C THR A 166 7.30 -15.03 -1.13
N THR A 167 7.46 -14.76 0.16
CA THR A 167 8.15 -15.69 1.04
C THR A 167 7.44 -17.04 1.10
N ASP A 168 6.12 -17.04 0.94
CA ASP A 168 5.36 -18.30 0.98
C ASP A 168 5.58 -19.15 -0.27
N LEU A 169 6.03 -18.54 -1.38
CA LEU A 169 6.25 -19.30 -2.62
C LEU A 169 7.51 -20.16 -2.53
N ILE A 170 8.56 -19.68 -1.89
CA ILE A 170 9.78 -20.47 -1.82
C ILE A 170 9.54 -21.78 -1.09
N VAL A 171 8.64 -21.77 -0.09
CA VAL A 171 8.35 -23.00 0.65
C VAL A 171 7.84 -24.09 -0.29
N ARG A 172 6.99 -23.72 -1.25
CA ARG A 172 6.47 -24.70 -2.21
C ARG A 172 7.59 -25.32 -3.03
N ILE A 173 8.57 -24.52 -3.43
CA ILE A 173 9.69 -25.06 -4.19
C ILE A 173 10.42 -26.12 -3.37
N LEU A 174 10.57 -25.86 -2.06
CA LEU A 174 11.34 -26.74 -1.19
C LEU A 174 10.67 -28.10 -0.98
N LYS A 175 9.35 -28.18 -1.17
CA LYS A 175 8.64 -29.43 -0.95
C LYS A 175 9.21 -30.57 -1.79
N ASN A 176 9.58 -30.27 -3.04
CA ASN A 176 10.21 -31.27 -3.90
C ASN A 176 11.47 -31.87 -3.31
N TYR A 177 11.98 -31.35 -2.18
CA TYR A 177 13.23 -31.82 -1.59
C TYR A 177 13.05 -32.27 -0.16
N GLU A 178 12.57 -31.39 0.72
CA GLU A 178 12.44 -31.60 2.17
C GLU A 178 12.13 -33.05 2.54
N ASP A 179 13.17 -33.82 2.83
CA ASP A 179 13.02 -35.24 3.14
C ASP A 179 14.28 -35.74 3.82
N TYR A 180 14.50 -37.05 3.75
CA TYR A 180 15.74 -37.67 4.19
C TYR A 180 16.31 -38.52 3.07
#